data_2WLG
#
_entry.id   2WLG
#
_cell.length_a   78.669
_cell.length_b   94.393
_cell.length_c   100.874
_cell.angle_alpha   90.00
_cell.angle_beta   90.00
_cell.angle_gamma   90.00
#
_symmetry.space_group_name_H-M   'P 2 2 2'
#
loop_
_entity.id
_entity.type
_entity.pdbx_description
1 polymer 'POLYSIALIC ACID O-ACETYLTRANSFERASE'
2 non-polymer '[(2R,3S,4R,5R)-5-(6-AMINO-9H-PURIN-9-YL)-4-HYDROXY-3-(PHOSPHONOOXY)TETRAHYDROFURAN-2-YL]METHYL (3R)-3-HYDROXY-2,2-DIMETHYL-4-OXO-4-{[3-OXO-3-({2-[(2-OXOPROPYL)THIO]ETHYL}AMINO)PROPYL]AMINO}BUTYL DIHYDROGEN DIPHOSPHATE'
3 non-polymer 1,2-ETHANEDIOL
4 non-polymer 'ACETATE ION'
5 water water
#
_entity_poly.entity_id   1
_entity_poly.type   'polypeptide(L)'
_entity_poly.pdbx_seq_one_letter_code
;MGTHMYSEQGINNTINISTTSLTNATQLTVIGNNNSVYIGNNCKIVSSNIRLKGNNITLFIADDVEIMGLVCSLHSDCSL
QIQAKTTMGNGEITIAEKGKISIGKDCMLAHGYEIRNTDMHPIYSLENGERINHGKDVIIGNHVWLGRNVTILKGVCIPN
NVVVGSHTVLYKSFKEPNCVIAGSPAKIVKENIVWGRKMYHSTMYDDPTLNEFYK
;
_entity_poly.pdbx_strand_id   A,B,C
#
# COMPACT_ATOMS: atom_id res chain seq x y z
N MET A 5 -26.68 9.84 5.71
CA MET A 5 -27.54 9.28 6.79
C MET A 5 -26.72 8.36 7.70
N TYR A 6 -27.38 7.80 8.72
CA TYR A 6 -26.67 7.23 9.86
C TYR A 6 -27.44 6.22 10.72
N SER A 7 -26.67 5.46 11.51
CA SER A 7 -27.17 4.55 12.53
C SER A 7 -26.61 4.91 13.93
N GLU A 8 -27.48 5.44 14.79
CA GLU A 8 -27.08 6.06 16.07
C GLU A 8 -27.65 5.29 17.29
N GLN A 9 -26.77 4.84 18.18
CA GLN A 9 -27.20 4.08 19.35
C GLN A 9 -26.52 4.52 20.64
N GLY A 10 -27.33 5.00 21.59
CA GLY A 10 -26.81 5.47 22.86
C GLY A 10 -27.58 6.66 23.39
N ILE A 11 -27.02 7.37 24.34
CA ILE A 11 -27.74 8.48 24.99
C ILE A 11 -27.19 9.82 24.56
N ASN A 12 -28.10 10.70 24.15
CA ASN A 12 -27.78 12.09 23.87
C ASN A 12 -26.71 12.30 22.82
N ASN A 13 -26.82 11.58 21.73
CA ASN A 13 -26.03 11.87 20.57
C ASN A 13 -26.75 12.95 19.73
N THR A 14 -25.98 13.91 19.25
CA THR A 14 -26.52 14.98 18.43
C THR A 14 -25.89 14.85 17.06
N ILE A 15 -26.70 14.61 16.06
CA ILE A 15 -26.22 14.53 14.70
C ILE A 15 -26.91 15.63 13.86
N ASN A 16 -26.12 16.55 13.33
CA ASN A 16 -26.63 17.63 12.49
C ASN A 16 -25.92 17.64 11.15
N ILE A 17 -26.56 17.10 10.14
CA ILE A 17 -25.99 17.01 8.83
C ILE A 17 -26.89 17.86 7.95
N SER A 18 -26.30 18.82 7.26
CA SER A 18 -27.10 19.77 6.49
C SER A 18 -27.89 19.05 5.43
N THR A 19 -29.11 19.52 5.21
CA THR A 19 -29.97 18.97 4.18
C THR A 19 -29.45 19.19 2.76
N THR A 20 -28.44 20.06 2.59
CA THR A 20 -27.85 20.30 1.28
C THR A 20 -26.66 19.41 1.04
N SER A 21 -26.39 18.53 1.99
CA SER A 21 -25.27 17.64 1.87
C SER A 21 -25.68 16.25 1.44
N LEU A 22 -24.82 15.65 0.62
CA LEU A 22 -25.08 14.33 0.04
C LEU A 22 -24.29 13.32 0.86
N THR A 23 -24.89 12.16 1.16
CA THR A 23 -24.23 11.13 1.99
C THR A 23 -24.34 9.72 1.38
N ASN A 24 -24.54 9.67 0.07
CA ASN A 24 -24.70 8.42 -0.67
C ASN A 24 -23.67 7.31 -0.35
N ALA A 25 -24.18 6.11 -0.07
CA ALA A 25 -23.35 4.91 0.17
C ALA A 25 -22.49 5.01 1.42
N THR A 26 -22.80 5.94 2.30
CA THR A 26 -21.96 6.11 3.47
C THR A 26 -22.61 5.55 4.74
N GLN A 27 -21.80 4.89 5.55
CA GLN A 27 -22.24 4.39 6.85
C GLN A 27 -21.67 5.25 7.96
N LEU A 28 -22.56 5.91 8.69
CA LEU A 28 -22.18 6.63 9.89
C LEU A 28 -22.77 5.85 11.04
N THR A 29 -21.90 5.36 11.91
CA THR A 29 -22.31 4.55 13.05
C THR A 29 -21.83 5.26 14.30
N VAL A 30 -22.75 5.54 15.22
CA VAL A 30 -22.43 6.21 16.48
C VAL A 30 -22.90 5.27 17.58
N ILE A 31 -21.95 4.70 18.31
CA ILE A 31 -22.25 3.76 19.38
C ILE A 31 -21.67 4.27 20.71
N GLY A 32 -22.55 4.80 21.57
CA GLY A 32 -22.11 5.42 22.81
C GLY A 32 -22.90 6.67 23.13
N ASN A 33 -22.40 7.45 24.09
CA ASN A 33 -23.15 8.59 24.64
C ASN A 33 -22.50 9.96 24.42
N ASN A 34 -23.35 10.97 24.26
CA ASN A 34 -22.91 12.36 24.26
C ASN A 34 -21.94 12.65 23.12
N ASN A 35 -22.16 11.97 21.99
CA ASN A 35 -21.38 12.21 20.80
C ASN A 35 -22.04 13.29 19.92
N SER A 36 -21.23 14.01 19.16
CA SER A 36 -21.76 15.08 18.32
CA SER A 36 -21.76 15.07 18.31
C SER A 36 -21.10 15.07 16.96
N VAL A 37 -21.94 15.14 15.92
CA VAL A 37 -21.50 15.20 14.55
C VAL A 37 -22.09 16.45 13.92
N TYR A 38 -21.24 17.25 13.30
CA TYR A 38 -21.73 18.34 12.49
C TYR A 38 -21.16 18.21 11.10
N ILE A 39 -22.04 18.18 10.09
CA ILE A 39 -21.61 18.31 8.71
C ILE A 39 -22.29 19.50 8.03
N GLY A 40 -21.48 20.39 7.46
CA GLY A 40 -21.96 21.66 6.97
C GLY A 40 -22.58 21.53 5.60
N ASN A 41 -22.73 22.67 4.93
CA ASN A 41 -23.49 22.75 3.70
C ASN A 41 -22.73 22.32 2.44
N ASN A 42 -23.47 21.72 1.51
CA ASN A 42 -22.96 21.39 0.19
C ASN A 42 -21.76 20.47 0.25
N CYS A 43 -21.73 19.62 1.26
CA CYS A 43 -20.77 18.53 1.31
C CYS A 43 -21.25 17.34 0.47
N LYS A 44 -20.28 16.53 0.05
CA LYS A 44 -20.54 15.24 -0.60
C LYS A 44 -19.66 14.24 0.13
N ILE A 45 -20.28 13.42 0.96
CA ILE A 45 -19.57 12.44 1.72
C ILE A 45 -20.10 11.08 1.32
N VAL A 46 -19.39 10.42 0.41
CA VAL A 46 -19.92 9.21 -0.21
C VAL A 46 -19.01 8.00 -0.02
N SER A 47 -19.62 6.81 -0.07
CA SER A 47 -18.91 5.54 0.01
C SER A 47 -17.98 5.44 1.20
N SER A 48 -18.32 6.14 2.27
CA SER A 48 -17.45 6.15 3.45
C SER A 48 -18.02 5.31 4.59
N ASN A 49 -17.16 5.06 5.58
CA ASN A 49 -17.56 4.35 6.76
C ASN A 49 -16.93 5.06 7.95
N ILE A 50 -17.76 5.84 8.64
CA ILE A 50 -17.34 6.64 9.78
C ILE A 50 -17.90 6.04 11.04
N ARG A 51 -17.03 5.69 11.98
CA ARG A 51 -17.42 5.01 13.18
C ARG A 51 -17.00 5.80 14.41
N LEU A 52 -17.98 6.22 15.20
CA LEU A 52 -17.72 6.82 16.52
C LEU A 52 -18.11 5.80 17.55
N LYS A 53 -17.11 5.21 18.19
CA LYS A 53 -17.36 4.14 19.15
C LYS A 53 -16.78 4.62 20.47
N GLY A 54 -17.65 5.09 21.34
CA GLY A 54 -17.25 5.56 22.65
C GLY A 54 -18.15 6.70 23.04
N ASN A 55 -17.69 7.49 24.01
CA ASN A 55 -18.45 8.63 24.55
C ASN A 55 -17.75 9.96 24.32
N ASN A 56 -18.54 11.03 24.18
CA ASN A 56 -18.02 12.40 24.11
C ASN A 56 -17.10 12.69 22.93
N ILE A 57 -17.39 12.06 21.79
CA ILE A 57 -16.62 12.19 20.60
C ILE A 57 -17.20 13.33 19.77
N THR A 58 -16.33 14.08 19.10
CA THR A 58 -16.78 15.11 18.14
C THR A 58 -16.26 14.90 16.71
N LEU A 59 -17.19 15.00 15.75
CA LEU A 59 -16.83 15.10 14.33
C LEU A 59 -17.42 16.41 13.78
N PHE A 60 -16.53 17.25 13.24
CA PHE A 60 -16.90 18.51 12.62
C PHE A 60 -16.35 18.58 11.20
N ILE A 61 -17.26 18.62 10.23
CA ILE A 61 -16.91 18.80 8.84
C ILE A 61 -17.57 20.06 8.29
N ALA A 62 -16.77 21.00 7.81
CA ALA A 62 -17.26 22.33 7.43
C ALA A 62 -17.90 22.26 6.06
N ASP A 63 -18.14 23.43 5.49
CA ASP A 63 -18.84 23.52 4.21
C ASP A 63 -17.98 23.05 3.07
N ASP A 64 -18.63 22.47 2.07
CA ASP A 64 -18.08 22.25 0.77
C ASP A 64 -16.99 21.18 0.80
N VAL A 65 -17.04 20.30 1.80
CA VAL A 65 -16.08 19.22 1.90
C VAL A 65 -16.55 18.01 1.06
N GLU A 66 -15.63 17.40 0.31
CA GLU A 66 -15.96 16.25 -0.54
C GLU A 66 -15.08 15.08 -0.15
N ILE A 67 -15.70 13.98 0.26
CA ILE A 67 -14.97 12.80 0.75
C ILE A 67 -15.51 11.60 0.02
N MET A 68 -14.62 10.76 -0.49
CA MET A 68 -15.02 9.52 -1.19
C MET A 68 -14.19 8.36 -0.67
N GLY A 69 -14.83 7.49 0.10
CA GLY A 69 -14.20 6.24 0.53
C GLY A 69 -13.29 6.41 1.74
N LEU A 70 -13.67 7.29 2.64
CA LEU A 70 -12.98 7.43 3.94
C LEU A 70 -13.40 6.32 4.90
N VAL A 71 -12.42 5.68 5.51
CA VAL A 71 -12.69 4.71 6.57
C VAL A 71 -12.13 5.40 7.83
N CYS A 72 -13.04 5.74 8.73
CA CYS A 72 -12.66 6.56 9.89
C CYS A 72 -13.13 5.93 11.20
N SER A 73 -12.20 5.84 12.16
CA SER A 73 -12.46 5.27 13.46
C SER A 73 -12.05 6.24 14.57
N LEU A 74 -13.06 6.66 15.36
CA LEU A 74 -12.87 7.56 16.49
C LEU A 74 -13.29 6.86 17.78
N HIS A 75 -12.48 7.03 18.82
CA HIS A 75 -12.74 6.40 20.12
C HIS A 75 -13.11 7.49 21.15
N SER A 76 -13.40 7.10 22.38
CA SER A 76 -13.90 8.08 23.39
C SER A 76 -13.09 9.37 23.46
N ASP A 77 -13.80 10.49 23.52
CA ASP A 77 -13.20 11.79 23.82
C ASP A 77 -12.28 12.30 22.72
N CYS A 78 -12.38 11.71 21.54
CA CYS A 78 -11.54 12.10 20.43
C CYS A 78 -12.30 13.10 19.57
N SER A 79 -11.54 13.79 18.73
CA SER A 79 -12.11 14.83 17.88
CA SER A 79 -12.13 14.80 17.88
C SER A 79 -11.43 14.83 16.51
N LEU A 80 -12.26 14.96 15.46
CA LEU A 80 -11.81 15.15 14.12
C LEU A 80 -12.51 16.38 13.56
N GLN A 81 -11.69 17.29 13.05
CA GLN A 81 -12.18 18.52 12.43
C GLN A 81 -11.59 18.62 11.04
N ILE A 82 -12.48 18.80 10.06
CA ILE A 82 -12.09 19.01 8.67
C ILE A 82 -12.69 20.35 8.12
N GLN A 83 -11.83 21.25 7.68
CA GLN A 83 -12.29 22.57 7.37
C GLN A 83 -12.65 22.73 5.89
N ALA A 84 -13.16 23.91 5.57
CA ALA A 84 -13.95 24.10 4.36
C ALA A 84 -13.16 23.85 3.06
N LYS A 85 -13.86 23.25 2.11
CA LYS A 85 -13.37 23.09 0.76
C LYS A 85 -12.32 21.98 0.62
N THR A 86 -12.09 21.23 1.69
CA THR A 86 -11.13 20.13 1.63
C THR A 86 -11.72 18.98 0.81
N THR A 87 -10.88 18.30 0.03
CA THR A 87 -11.32 17.12 -0.72
C THR A 87 -10.45 15.92 -0.36
N MET A 88 -11.06 14.75 -0.28
CA MET A 88 -10.36 13.55 0.15
C MET A 88 -10.85 12.37 -0.64
N GLY A 89 -9.90 11.61 -1.19
CA GLY A 89 -10.20 10.34 -1.82
C GLY A 89 -10.24 9.23 -0.79
N ASN A 90 -9.99 8.01 -1.25
CA ASN A 90 -10.05 6.85 -0.39
C ASN A 90 -8.93 6.96 0.65
N GLY A 91 -9.22 6.60 1.89
CA GLY A 91 -8.18 6.57 2.90
C GLY A 91 -8.69 6.20 4.28
N GLU A 92 -7.78 6.33 5.27
CA GLU A 92 -8.06 5.89 6.61
C GLU A 92 -7.61 6.94 7.62
N ILE A 93 -8.49 7.22 8.58
CA ILE A 93 -8.16 8.08 9.71
C ILE A 93 -8.50 7.37 11.01
N THR A 94 -7.55 7.33 11.95
CA THR A 94 -7.75 6.62 13.20
C THR A 94 -7.35 7.53 14.34
N ILE A 95 -8.25 7.70 15.28
CA ILE A 95 -7.96 8.62 16.42
C ILE A 95 -8.33 7.85 17.68
N ALA A 96 -7.38 7.80 18.60
CA ALA A 96 -7.61 7.18 19.88
C ALA A 96 -6.92 7.99 20.95
N GLU A 97 -6.84 7.43 22.15
CA GLU A 97 -6.15 8.07 23.27
C GLU A 97 -6.68 9.47 23.59
N LYS A 98 -7.98 9.66 23.36
CA LYS A 98 -8.67 10.92 23.68
C LYS A 98 -8.01 12.11 22.99
N GLY A 99 -7.52 11.86 21.78
CA GLY A 99 -6.76 12.82 21.01
C GLY A 99 -7.59 13.48 19.91
N LYS A 100 -6.90 14.25 19.08
CA LYS A 100 -7.53 14.99 18.04
C LYS A 100 -6.67 15.13 16.79
N ILE A 101 -7.40 15.24 15.68
CA ILE A 101 -6.80 15.49 14.37
C ILE A 101 -7.51 16.65 13.72
N SER A 102 -6.77 17.58 13.14
CA SER A 102 -7.41 18.68 12.41
C SER A 102 -6.77 18.79 11.05
N ILE A 103 -7.63 19.03 10.07
CA ILE A 103 -7.27 19.15 8.67
C ILE A 103 -7.81 20.53 8.26
N GLY A 104 -6.94 21.37 7.73
CA GLY A 104 -7.30 22.76 7.37
C GLY A 104 -8.17 22.92 6.14
N LYS A 105 -8.31 24.17 5.72
CA LYS A 105 -9.15 24.53 4.61
C LYS A 105 -8.45 24.19 3.31
N ASP A 106 -9.24 23.75 2.33
CA ASP A 106 -8.81 23.60 0.95
C ASP A 106 -7.59 22.68 0.83
N CYS A 107 -7.62 21.62 1.61
CA CYS A 107 -6.65 20.56 1.44
C CYS A 107 -7.11 19.58 0.34
N MET A 108 -6.17 18.77 -0.15
CA MET A 108 -6.42 17.81 -1.21
C MET A 108 -5.65 16.57 -0.87
N LEU A 109 -6.38 15.55 -0.42
CA LEU A 109 -5.81 14.29 0.05
C LEU A 109 -6.08 13.21 -0.99
N ALA A 110 -5.04 12.79 -1.69
CA ALA A 110 -5.18 11.78 -2.75
C ALA A 110 -5.35 10.38 -2.17
N HIS A 111 -5.83 9.45 -3.02
CA HIS A 111 -6.15 8.09 -2.61
C HIS A 111 -4.97 7.49 -1.83
N GLY A 112 -5.31 6.70 -0.81
CA GLY A 112 -4.33 5.97 -0.03
C GLY A 112 -3.75 6.60 1.23
N TYR A 113 -4.32 7.71 1.69
CA TYR A 113 -3.81 8.35 2.91
C TYR A 113 -4.09 7.45 4.11
N GLU A 114 -3.19 7.54 5.10
CA GLU A 114 -3.42 6.91 6.38
C GLU A 114 -2.97 7.94 7.40
N ILE A 115 -3.89 8.40 8.23
CA ILE A 115 -3.58 9.46 9.19
C ILE A 115 -3.99 8.99 10.57
N ARG A 116 -3.10 9.08 11.54
CA ARG A 116 -3.37 8.52 12.87
C ARG A 116 -2.62 9.31 13.95
N ASN A 117 -3.28 9.48 15.09
CA ASN A 117 -2.65 10.12 16.24
C ASN A 117 -2.09 9.12 17.26
N THR A 118 -2.06 7.84 16.92
CA THR A 118 -1.83 6.76 17.89
C THR A 118 -1.15 5.60 17.17
N ASP A 119 -0.32 4.85 17.91
CA ASP A 119 0.27 3.61 17.46
C ASP A 119 -0.66 2.43 17.75
N MET A 120 -1.64 2.69 18.61
CA MET A 120 -2.67 1.73 19.10
C MET A 120 -2.14 0.75 20.16
N HIS A 121 -0.83 0.78 20.43
CA HIS A 121 -0.26 -0.14 21.41
C HIS A 121 0.97 0.50 22.01
N PRO A 122 1.30 0.17 23.26
CA PRO A 122 2.37 0.84 23.96
C PRO A 122 3.80 0.37 23.68
N ILE A 123 4.73 1.32 23.72
CA ILE A 123 6.14 1.00 23.78
C ILE A 123 6.70 1.60 25.08
N TYR A 124 7.44 0.79 25.81
CA TYR A 124 8.05 1.21 27.08
C TYR A 124 9.55 1.22 27.03
N SER A 125 10.13 2.15 27.75
CA SER A 125 11.59 2.17 27.88
C SER A 125 12.04 1.21 28.98
N LEU A 126 13.03 0.38 28.65
CA LEU A 126 13.63 -0.52 29.63
C LEU A 126 14.42 0.21 30.72
N GLU A 127 14.76 1.48 30.51
CA GLU A 127 15.48 2.29 31.51
C GLU A 127 14.62 2.54 32.75
N ASN A 128 13.30 2.61 32.58
CA ASN A 128 12.44 2.96 33.71
C ASN A 128 11.08 2.31 33.69
N GLY A 129 10.81 1.56 32.64
CA GLY A 129 9.49 0.98 32.47
C GLY A 129 8.37 1.86 31.93
N GLU A 130 8.67 3.12 31.68
CA GLU A 130 7.63 4.07 31.35
C GLU A 130 7.32 4.05 29.87
N ARG A 131 6.06 4.33 29.57
CA ARG A 131 5.59 4.36 28.18
C ARG A 131 6.17 5.58 27.49
N ILE A 132 6.77 5.38 26.32
CA ILE A 132 7.39 6.45 25.54
C ILE A 132 6.67 6.89 24.28
N ASN A 133 5.56 6.23 23.94
CA ASN A 133 4.86 6.50 22.64
C ASN A 133 3.39 6.86 22.85
N HIS A 134 3.13 7.73 23.83
CA HIS A 134 1.78 8.23 24.01
C HIS A 134 1.33 8.92 22.73
N GLY A 135 0.03 8.81 22.49
CA GLY A 135 -0.60 9.48 21.37
C GLY A 135 -0.37 10.96 21.38
N LYS A 136 -0.34 11.51 20.19
CA LYS A 136 -0.14 12.95 20.01
C LYS A 136 -0.95 13.47 18.84
N ASP A 137 -1.56 14.65 19.02
CA ASP A 137 -2.44 15.22 18.00
C ASP A 137 -1.76 15.47 16.67
N VAL A 138 -2.54 15.39 15.60
CA VAL A 138 -2.05 15.67 14.27
C VAL A 138 -2.75 16.93 13.78
N ILE A 139 -1.97 17.85 13.21
CA ILE A 139 -2.47 19.08 12.62
C ILE A 139 -1.97 19.23 11.18
N ILE A 140 -2.90 19.16 10.25
CA ILE A 140 -2.63 19.42 8.86
C ILE A 140 -3.15 20.82 8.55
N GLY A 141 -2.25 21.68 8.11
CA GLY A 141 -2.55 23.06 7.85
C GLY A 141 -3.45 23.28 6.65
N ASN A 142 -3.67 24.55 6.33
CA ASN A 142 -4.49 24.92 5.18
C ASN A 142 -3.74 24.66 3.87
N HIS A 143 -4.48 24.24 2.85
CA HIS A 143 -3.96 24.09 1.51
C HIS A 143 -2.76 23.16 1.50
N VAL A 144 -2.96 21.98 2.08
CA VAL A 144 -1.98 20.92 2.01
C VAL A 144 -2.45 19.87 1.03
N TRP A 145 -1.54 19.43 0.18
CA TRP A 145 -1.81 18.38 -0.79
C TRP A 145 -1.01 17.17 -0.38
N LEU A 146 -1.72 16.12 -0.01
CA LEU A 146 -1.10 14.82 0.22
C LEU A 146 -1.19 13.99 -1.06
N GLY A 147 -0.07 13.68 -1.65
CA GLY A 147 -0.03 12.78 -2.80
C GLY A 147 -0.51 11.39 -2.44
N ARG A 148 -0.47 10.47 -3.42
CA ARG A 148 -0.98 9.13 -3.19
C ARG A 148 -0.21 8.38 -2.12
N ASN A 149 -0.92 7.58 -1.34
CA ASN A 149 -0.32 6.67 -0.40
C ASN A 149 0.62 7.35 0.56
N VAL A 150 0.14 8.43 1.16
CA VAL A 150 0.88 9.13 2.19
C VAL A 150 0.42 8.70 3.59
N THR A 151 1.38 8.58 4.50
CA THR A 151 1.10 8.16 5.84
C THR A 151 1.54 9.24 6.79
N ILE A 152 0.64 9.67 7.65
CA ILE A 152 0.90 10.75 8.62
C ILE A 152 0.71 10.16 10.01
N LEU A 153 1.79 10.15 10.79
CA LEU A 153 1.78 9.48 12.08
C LEU A 153 1.61 10.49 13.21
N LYS A 154 1.59 9.98 14.46
CA LYS A 154 1.21 10.80 15.61
C LYS A 154 2.07 12.01 15.77
N GLY A 155 1.44 13.12 16.18
CA GLY A 155 2.17 14.30 16.58
C GLY A 155 2.61 15.19 15.45
N VAL A 156 2.35 14.79 14.21
CA VAL A 156 2.87 15.49 13.06
C VAL A 156 2.02 16.73 12.80
N CYS A 157 2.71 17.86 12.62
CA CYS A 157 2.08 19.07 12.18
CA CYS A 157 2.10 19.11 12.21
C CYS A 157 2.68 19.51 10.85
N ILE A 158 1.80 19.73 9.87
CA ILE A 158 2.22 20.10 8.55
C ILE A 158 1.82 21.56 8.32
N PRO A 159 2.78 22.38 7.89
CA PRO A 159 2.55 23.79 7.62
C PRO A 159 1.61 24.02 6.43
N ASN A 160 1.14 25.25 6.31
CA ASN A 160 0.28 25.65 5.19
C ASN A 160 1.00 25.54 3.84
N ASN A 161 0.26 25.19 2.80
CA ASN A 161 0.73 25.26 1.41
C ASN A 161 1.87 24.30 1.17
N VAL A 162 1.70 23.08 1.64
CA VAL A 162 2.73 22.05 1.49
C VAL A 162 2.22 20.96 0.59
N VAL A 163 3.12 20.41 -0.21
CA VAL A 163 2.83 19.20 -0.95
C VAL A 163 3.64 18.08 -0.36
N VAL A 164 2.97 16.97 -0.04
CA VAL A 164 3.68 15.80 0.41
C VAL A 164 3.76 14.76 -0.70
N GLY A 165 4.99 14.42 -1.05
CA GLY A 165 5.25 13.47 -2.12
C GLY A 165 4.61 12.13 -1.90
N SER A 166 4.13 11.56 -2.98
CA SER A 166 3.63 10.21 -3.03
C SER A 166 4.48 9.24 -2.20
N HIS A 167 3.82 8.36 -1.46
CA HIS A 167 4.45 7.29 -0.67
C HIS A 167 5.32 7.76 0.49
N THR A 168 5.26 9.03 0.85
CA THR A 168 6.05 9.52 1.98
C THR A 168 5.39 9.18 3.31
N VAL A 169 6.21 8.85 4.31
CA VAL A 169 5.77 8.62 5.66
C VAL A 169 6.30 9.77 6.49
N LEU A 170 5.41 10.52 7.12
CA LEU A 170 5.84 11.57 8.01
C LEU A 170 5.70 11.11 9.46
N TYR A 171 6.79 11.15 10.23
CA TYR A 171 7.00 10.82 11.64
CA TYR A 171 7.04 10.83 11.64
C TYR A 171 7.23 12.08 12.46
N LYS A 172 7.66 13.16 11.81
CA LYS A 172 8.00 14.39 12.50
C LYS A 172 7.37 15.62 11.84
N SER A 173 7.14 16.66 12.64
CA SER A 173 6.57 17.92 12.18
C SER A 173 7.54 18.76 11.36
N PHE A 174 7.00 19.65 10.54
CA PHE A 174 7.79 20.63 9.82
C PHE A 174 7.33 22.02 10.17
N LYS A 175 8.16 23.02 9.89
CA LYS A 175 7.82 24.40 10.21
C LYS A 175 7.74 25.28 8.97
N GLU A 176 8.37 24.84 7.88
CA GLU A 176 8.46 25.62 6.63
C GLU A 176 7.24 25.47 5.72
N PRO A 177 6.52 26.55 5.49
CA PRO A 177 5.42 26.45 4.54
C PRO A 177 5.92 26.59 3.10
N ASN A 178 5.04 26.29 2.14
CA ASN A 178 5.31 26.53 0.73
C ASN A 178 6.41 25.63 0.22
N CYS A 179 6.40 24.39 0.65
CA CYS A 179 7.45 23.48 0.20
C CYS A 179 6.89 22.14 -0.19
N VAL A 180 7.71 21.34 -0.87
CA VAL A 180 7.40 19.97 -1.18
C VAL A 180 8.24 19.07 -0.27
N ILE A 181 7.62 18.07 0.32
CA ILE A 181 8.30 17.19 1.24
C ILE A 181 8.25 15.79 0.69
N ALA A 182 9.41 15.11 0.72
CA ALA A 182 9.51 13.72 0.26
C ALA A 182 10.72 12.99 0.85
N GLY A 183 10.76 11.66 0.70
CA GLY A 183 11.91 10.86 1.13
C GLY A 183 11.86 10.29 2.54
N SER A 184 12.88 9.47 2.87
CA SER A 184 13.00 8.85 4.19
C SER A 184 14.42 9.05 4.73
N PRO A 185 14.52 9.74 5.88
CA PRO A 185 13.31 10.27 6.44
C PRO A 185 12.78 11.40 5.59
N ALA A 186 11.58 11.84 5.90
CA ALA A 186 10.96 12.87 5.08
C ALA A 186 11.77 14.14 5.21
N LYS A 187 11.97 14.83 4.09
CA LYS A 187 12.64 16.12 4.13
C LYS A 187 12.13 17.05 3.03
N ILE A 188 12.37 18.33 3.21
CA ILE A 188 12.06 19.33 2.19
C ILE A 188 12.93 19.08 0.96
N VAL A 189 12.30 18.81 -0.18
CA VAL A 189 13.03 18.59 -1.41
C VAL A 189 12.91 19.78 -2.36
N LYS A 190 11.94 20.66 -2.13
CA LYS A 190 11.85 21.90 -2.91
C LYS A 190 11.18 22.99 -2.09
N GLU A 191 11.78 24.16 -2.09
CA GLU A 191 11.23 25.31 -1.38
C GLU A 191 10.56 26.29 -2.33
N ASN A 192 9.73 27.15 -1.76
CA ASN A 192 9.11 28.28 -2.43
C ASN A 192 8.20 27.93 -3.58
N ILE A 193 7.23 27.07 -3.31
CA ILE A 193 6.26 26.66 -4.31
C ILE A 193 4.84 26.95 -3.84
N VAL A 194 3.90 26.86 -4.77
CA VAL A 194 2.50 26.81 -4.43
C VAL A 194 1.84 25.85 -5.41
N TRP A 195 0.90 25.04 -4.94
CA TRP A 195 0.20 24.11 -5.79
C TRP A 195 -1.23 24.58 -6.01
N GLY A 196 -1.87 24.02 -7.03
CA GLY A 196 -3.24 24.36 -7.34
C GLY A 196 -3.96 23.12 -7.81
N ARG A 197 -5.27 23.22 -7.96
CA ARG A 197 -6.07 22.09 -8.36
C ARG A 197 -6.11 21.86 -9.87
N LYS A 198 -6.14 22.93 -10.65
CA LYS A 198 -6.39 22.82 -12.09
C LYS A 198 -5.09 23.06 -12.85
N MET A 199 -4.71 22.16 -13.76
CA MET A 199 -3.43 22.30 -14.45
C MET A 199 -3.55 22.89 -15.86
N TYR A 200 -4.41 23.90 -16.01
CA TYR A 200 -4.49 24.54 -17.31
C TYR A 200 -4.06 26.01 -17.27
N HIS A 201 -3.33 26.41 -16.23
CA HIS A 201 -2.92 27.81 -16.10
C HIS A 201 -1.44 28.06 -16.49
N SER A 202 -1.20 28.93 -17.47
CA SER A 202 0.17 29.31 -17.79
C SER A 202 0.93 29.37 -16.46
N THR A 203 0.51 30.34 -15.63
CA THR A 203 1.16 30.60 -14.35
C THR A 203 0.17 30.56 -13.18
N MET A 204 0.69 30.72 -11.97
CA MET A 204 -0.15 30.77 -10.76
C MET A 204 -1.08 31.99 -10.77
N TYR A 205 -0.75 32.99 -11.56
CA TYR A 205 -1.50 34.27 -11.59
C TYR A 205 -2.87 34.11 -12.24
N ASP A 206 -3.11 32.91 -12.74
CA ASP A 206 -4.31 32.59 -13.50
C ASP A 206 -5.26 31.82 -12.61
N ASP A 207 -4.81 31.47 -11.41
CA ASP A 207 -5.63 30.74 -10.47
C ASP A 207 -5.98 31.70 -9.35
N PRO A 208 -7.26 32.12 -9.29
CA PRO A 208 -7.62 33.16 -8.33
C PRO A 208 -7.58 32.64 -6.89
N THR A 209 -7.47 31.32 -6.72
CA THR A 209 -7.41 30.75 -5.38
C THR A 209 -6.01 30.92 -4.77
N LEU A 210 -5.03 31.23 -5.60
CA LEU A 210 -3.64 31.23 -5.15
C LEU A 210 -3.12 32.60 -4.72
N ASN A 211 -3.90 33.66 -4.97
CA ASN A 211 -3.43 35.02 -4.71
C ASN A 211 -2.88 35.20 -3.29
N GLU A 212 -3.51 34.57 -2.32
CA GLU A 212 -3.12 34.78 -0.93
C GLU A 212 -1.74 34.21 -0.62
N PHE A 213 -1.30 33.24 -1.42
CA PHE A 213 -0.03 32.57 -1.16
C PHE A 213 1.17 33.35 -1.70
N TYR A 214 0.93 34.28 -2.62
CA TYR A 214 2.03 35.04 -3.20
C TYR A 214 1.96 36.54 -2.98
N LYS A 215 0.76 37.08 -2.81
CA LYS A 215 0.59 38.51 -2.66
C LYS A 215 1.42 39.03 -1.49
N TYR B 6 -17.42 -1.20 -25.09
CA TYR B 6 -18.28 -1.75 -24.00
C TYR B 6 -19.40 -0.77 -23.69
N SER B 7 -19.03 0.38 -23.15
CA SER B 7 -19.93 1.51 -23.02
C SER B 7 -19.34 2.68 -23.79
N GLU B 8 -20.07 3.17 -24.79
CA GLU B 8 -19.50 4.13 -25.73
C GLU B 8 -20.45 5.30 -26.00
N GLN B 9 -19.95 6.53 -25.81
CA GLN B 9 -20.73 7.72 -26.11
C GLN B 9 -19.89 8.71 -26.91
N GLY B 10 -20.15 8.80 -28.21
CA GLY B 10 -19.34 9.62 -29.09
C GLY B 10 -19.34 9.06 -30.50
N ILE B 11 -18.61 9.69 -31.40
CA ILE B 11 -18.60 9.28 -32.81
C ILE B 11 -17.21 8.93 -33.31
N ASN B 12 -17.16 8.02 -34.27
CA ASN B 12 -15.92 7.63 -34.92
C ASN B 12 -14.95 7.02 -33.92
N ASN B 13 -15.47 6.23 -32.99
CA ASN B 13 -14.62 5.44 -32.10
C ASN B 13 -14.45 4.03 -32.67
N THR B 14 -13.24 3.53 -32.62
CA THR B 14 -12.96 2.21 -33.18
C THR B 14 -12.48 1.30 -32.07
N ILE B 15 -13.18 0.18 -31.91
CA ILE B 15 -12.82 -0.81 -30.90
C ILE B 15 -12.66 -2.19 -31.55
N ASN B 16 -11.44 -2.70 -31.62
CA ASN B 16 -11.20 -4.07 -32.06
C ASN B 16 -10.64 -4.87 -30.94
N ILE B 17 -11.49 -5.69 -30.35
CA ILE B 17 -11.07 -6.69 -29.40
C ILE B 17 -11.23 -8.00 -30.13
N SER B 18 -10.11 -8.63 -30.47
CA SER B 18 -10.18 -9.87 -31.21
C SER B 18 -10.75 -10.89 -30.25
N THR B 19 -11.45 -11.91 -30.75
CA THR B 19 -11.64 -13.08 -29.89
C THR B 19 -10.29 -13.74 -29.87
N THR B 20 -10.19 -14.86 -29.17
CA THR B 20 -8.88 -15.42 -28.91
C THR B 20 -8.38 -14.65 -27.70
N SER B 21 -9.14 -13.62 -27.34
CA SER B 21 -8.76 -12.78 -26.22
C SER B 21 -9.95 -12.61 -25.29
N LEU B 22 -9.69 -12.53 -23.99
CA LEU B 22 -10.73 -12.57 -22.99
C LEU B 22 -10.77 -11.28 -22.19
N THR B 23 -11.97 -10.84 -21.87
CA THR B 23 -12.19 -9.56 -21.21
C THR B 23 -13.18 -9.74 -20.07
N ASN B 24 -13.27 -10.96 -19.58
CA ASN B 24 -14.15 -11.30 -18.47
C ASN B 24 -14.11 -10.30 -17.30
N ALA B 25 -15.29 -9.77 -16.96
CA ALA B 25 -15.49 -8.90 -15.79
C ALA B 25 -14.82 -7.55 -15.90
N THR B 26 -14.53 -7.14 -17.13
CA THR B 26 -13.83 -5.91 -17.38
C THR B 26 -14.79 -4.85 -17.91
N GLN B 27 -14.63 -3.62 -17.44
CA GLN B 27 -15.46 -2.51 -17.89
C GLN B 27 -14.61 -1.61 -18.78
N LEU B 28 -15.15 -1.32 -19.96
CA LEU B 28 -14.51 -0.37 -20.87
C LEU B 28 -15.48 0.79 -21.11
N THR B 29 -15.03 1.99 -20.84
CA THR B 29 -15.87 3.17 -21.06
C THR B 29 -15.14 4.13 -21.96
N VAL B 30 -15.81 4.53 -23.03
CA VAL B 30 -15.21 5.46 -23.97
C VAL B 30 -16.17 6.63 -24.16
N ILE B 31 -15.76 7.79 -23.68
CA ILE B 31 -16.55 9.01 -23.81
C ILE B 31 -15.74 10.05 -24.60
N GLY B 32 -16.22 10.38 -25.79
CA GLY B 32 -15.42 11.25 -26.65
C GLY B 32 -15.38 10.68 -28.04
N ASN B 33 -14.51 11.22 -28.89
CA ASN B 33 -14.55 10.93 -30.33
C ASN B 33 -13.16 10.69 -30.94
N ASN B 34 -13.13 9.98 -32.06
CA ASN B 34 -11.87 9.78 -32.80
C ASN B 34 -10.85 9.06 -31.93
N ASN B 35 -11.36 8.26 -31.00
CA ASN B 35 -10.52 7.43 -30.13
C ASN B 35 -10.28 6.05 -30.71
N SER B 36 -9.19 5.40 -30.35
CA SER B 36 -8.97 4.04 -30.83
C SER B 36 -8.49 3.11 -29.72
N VAL B 37 -9.24 2.04 -29.53
CA VAL B 37 -8.85 0.96 -28.64
C VAL B 37 -8.48 -0.24 -29.50
N TYR B 38 -7.32 -0.82 -29.22
CA TYR B 38 -6.87 -2.00 -29.92
C TYR B 38 -6.34 -3.01 -28.92
N ILE B 39 -6.92 -4.20 -28.92
CA ILE B 39 -6.43 -5.28 -28.09
C ILE B 39 -6.15 -6.47 -29.01
N GLY B 40 -4.93 -7.01 -28.92
CA GLY B 40 -4.48 -8.01 -29.87
C GLY B 40 -5.00 -9.40 -29.62
N ASN B 41 -4.39 -10.35 -30.29
CA ASN B 41 -4.82 -11.73 -30.22
C ASN B 41 -4.26 -12.43 -29.00
N ASN B 42 -5.08 -13.30 -28.43
CA ASN B 42 -4.63 -14.16 -27.38
C ASN B 42 -4.29 -13.39 -26.11
N CYS B 43 -4.96 -12.26 -25.92
CA CYS B 43 -4.78 -11.41 -24.74
C CYS B 43 -5.76 -11.79 -23.65
N LYS B 44 -5.38 -11.54 -22.40
CA LYS B 44 -6.30 -11.75 -21.28
C LYS B 44 -6.40 -10.47 -20.49
N ILE B 45 -7.54 -9.77 -20.64
CA ILE B 45 -7.77 -8.51 -19.93
C ILE B 45 -8.98 -8.62 -19.00
N VAL B 46 -8.77 -9.05 -17.76
CA VAL B 46 -9.88 -9.41 -16.89
C VAL B 46 -9.95 -8.55 -15.62
N SER B 47 -11.15 -8.45 -15.06
CA SER B 47 -11.40 -7.72 -13.83
C SER B 47 -10.76 -6.33 -13.84
N SER B 48 -10.77 -5.69 -15.00
CA SER B 48 -10.16 -4.38 -15.10
C SER B 48 -11.22 -3.30 -15.35
N ASN B 49 -10.85 -2.06 -15.13
CA ASN B 49 -11.76 -0.94 -15.34
C ASN B 49 -10.99 0.07 -16.17
N ILE B 50 -11.37 0.22 -17.43
CA ILE B 50 -10.58 1.04 -18.34
C ILE B 50 -11.42 2.18 -18.87
N ARG B 51 -10.95 3.41 -18.68
CA ARG B 51 -11.72 4.60 -19.01
C ARG B 51 -10.96 5.51 -19.97
N LEU B 52 -11.59 5.84 -21.10
CA LEU B 52 -11.05 6.83 -22.03
C LEU B 52 -12.03 7.98 -22.11
N LYS B 53 -11.57 9.17 -21.79
CA LYS B 53 -12.44 10.34 -21.87
C LYS B 53 -11.76 11.48 -22.62
N GLY B 54 -12.31 11.85 -23.76
CA GLY B 54 -11.67 12.85 -24.60
C GLY B 54 -11.62 12.38 -26.04
N ASN B 55 -10.71 12.97 -26.83
CA ASN B 55 -10.63 12.69 -28.26
C ASN B 55 -9.24 12.21 -28.64
N ASN B 56 -9.17 11.46 -29.74
CA ASN B 56 -7.88 11.04 -30.30
C ASN B 56 -6.99 10.34 -29.27
N ILE B 57 -7.63 9.56 -28.41
CA ILE B 57 -6.90 8.72 -27.47
C ILE B 57 -6.61 7.37 -28.11
N THR B 58 -5.43 6.84 -27.82
CA THR B 58 -5.06 5.56 -28.36
C THR B 58 -4.69 4.60 -27.27
N LEU B 59 -5.44 3.51 -27.17
CA LEU B 59 -5.07 2.40 -26.31
C LEU B 59 -4.68 1.24 -27.20
N PHE B 60 -3.45 0.75 -27.05
CA PHE B 60 -2.93 -0.34 -27.89
C PHE B 60 -2.34 -1.43 -27.02
N ILE B 61 -2.95 -2.60 -27.05
CA ILE B 61 -2.44 -3.76 -26.32
C ILE B 61 -2.15 -4.89 -27.31
N ALA B 62 -0.86 -5.16 -27.50
CA ALA B 62 -0.41 -6.15 -28.49
C ALA B 62 -0.81 -7.56 -28.10
N ASP B 63 -0.37 -8.51 -28.91
CA ASP B 63 -0.74 -9.91 -28.71
C ASP B 63 -0.17 -10.47 -27.42
N ASP B 64 -0.82 -11.50 -26.90
CA ASP B 64 -0.21 -12.32 -25.86
C ASP B 64 -0.06 -11.53 -24.56
N VAL B 65 -1.02 -10.66 -24.28
CA VAL B 65 -0.97 -9.87 -23.04
C VAL B 65 -2.01 -10.32 -22.02
N GLU B 66 -1.59 -10.43 -20.77
CA GLU B 66 -2.48 -10.83 -19.69
C GLU B 66 -2.43 -9.79 -18.57
N ILE B 67 -3.59 -9.22 -18.28
CA ILE B 67 -3.74 -8.13 -17.33
C ILE B 67 -4.90 -8.52 -16.44
N MET B 68 -4.71 -8.46 -15.12
CA MET B 68 -5.78 -8.77 -14.19
C MET B 68 -5.90 -7.68 -13.13
N GLY B 69 -7.02 -6.97 -13.15
CA GLY B 69 -7.28 -5.94 -12.13
C GLY B 69 -6.58 -4.60 -12.36
N LEU B 70 -6.48 -4.17 -13.61
CA LEU B 70 -5.92 -2.87 -13.93
C LEU B 70 -7.01 -1.80 -13.87
N VAL B 71 -6.71 -0.70 -13.20
CA VAL B 71 -7.58 0.48 -13.26
C VAL B 71 -6.85 1.48 -14.12
N CYS B 72 -7.46 1.89 -15.22
CA CYS B 72 -6.73 2.71 -16.18
C CYS B 72 -7.55 3.90 -16.62
N SER B 73 -6.95 5.08 -16.55
CA SER B 73 -7.62 6.30 -16.91
C SER B 73 -6.79 7.06 -17.94
N LEU B 74 -7.39 7.32 -19.10
CA LEU B 74 -6.73 8.04 -20.17
C LEU B 74 -7.52 9.29 -20.58
N HIS B 75 -6.84 10.43 -20.64
CA HIS B 75 -7.48 11.68 -21.04
C HIS B 75 -7.17 12.03 -22.50
N SER B 76 -7.76 13.11 -22.98
CA SER B 76 -7.70 13.41 -24.38
C SER B 76 -6.26 13.40 -24.95
N ASP B 77 -6.11 12.85 -26.16
CA ASP B 77 -4.85 12.93 -26.90
C ASP B 77 -3.72 12.15 -26.21
N CYS B 78 -4.08 11.23 -25.34
CA CYS B 78 -3.09 10.40 -24.67
C CYS B 78 -2.94 9.07 -25.39
N SER B 79 -1.88 8.33 -25.08
CA SER B 79 -1.72 7.00 -25.66
C SER B 79 -1.04 6.01 -24.69
N LEU B 80 -1.64 4.84 -24.55
CA LEU B 80 -1.02 3.75 -23.80
C LEU B 80 -0.74 2.61 -24.77
N GLN B 81 0.52 2.18 -24.82
CA GLN B 81 0.96 1.05 -25.64
C GLN B 81 1.60 -0.03 -24.77
N ILE B 82 1.04 -1.22 -24.80
CA ILE B 82 1.57 -2.38 -24.08
C ILE B 82 2.00 -3.45 -25.08
N GLN B 83 3.31 -3.70 -25.21
CA GLN B 83 3.77 -4.62 -26.25
C GLN B 83 3.60 -6.10 -25.87
N ALA B 84 3.83 -6.98 -26.84
CA ALA B 84 3.45 -8.37 -26.72
C ALA B 84 4.14 -9.08 -25.54
N LYS B 85 3.38 -10.03 -24.96
CA LYS B 85 3.92 -10.98 -24.00
C LYS B 85 3.91 -10.44 -22.58
N THR B 86 3.54 -9.19 -22.44
CA THR B 86 3.60 -8.56 -21.14
C THR B 86 2.49 -9.11 -20.25
N THR B 87 2.82 -9.36 -18.99
CA THR B 87 1.85 -9.78 -17.98
C THR B 87 1.77 -8.71 -16.90
N MET B 88 0.57 -8.49 -16.37
CA MET B 88 0.36 -7.47 -15.35
C MET B 88 -0.66 -7.93 -14.32
N GLY B 89 -0.36 -7.73 -13.05
CA GLY B 89 -1.33 -7.96 -11.99
C GLY B 89 -2.12 -6.71 -11.72
N ASN B 90 -2.63 -6.57 -10.49
CA ASN B 90 -3.37 -5.38 -10.08
C ASN B 90 -2.54 -4.13 -10.09
N GLY B 91 -3.12 -3.05 -10.60
CA GLY B 91 -2.40 -1.80 -10.59
C GLY B 91 -3.15 -0.69 -11.24
N GLU B 92 -2.47 0.43 -11.37
CA GLU B 92 -3.09 1.64 -11.85
C GLU B 92 -2.17 2.34 -12.81
N ILE B 93 -2.77 2.86 -13.87
CA ILE B 93 -2.05 3.62 -14.86
C ILE B 93 -2.88 4.85 -15.15
N THR B 94 -2.27 6.01 -15.05
CA THR B 94 -2.98 7.24 -15.35
C THR B 94 -2.18 8.01 -16.36
N ILE B 95 -2.85 8.47 -17.43
CA ILE B 95 -2.17 9.29 -18.42
C ILE B 95 -2.96 10.56 -18.68
N ALA B 96 -2.28 11.70 -18.64
CA ALA B 96 -2.93 12.96 -18.92
C ALA B 96 -1.96 13.90 -19.60
N GLU B 97 -2.36 15.15 -19.78
CA GLU B 97 -1.50 16.16 -20.39
C GLU B 97 -1.01 15.74 -21.79
N LYS B 98 -1.88 15.06 -22.53
CA LYS B 98 -1.60 14.71 -23.91
C LYS B 98 -0.30 13.91 -24.08
N GLY B 99 0.04 13.08 -23.09
CA GLY B 99 1.29 12.34 -23.11
C GLY B 99 1.12 10.86 -23.47
N LYS B 100 2.17 10.08 -23.26
CA LYS B 100 2.05 8.64 -23.49
C LYS B 100 2.90 7.82 -22.56
N ILE B 101 2.46 6.59 -22.37
CA ILE B 101 3.16 5.60 -21.60
C ILE B 101 3.29 4.40 -22.51
N SER B 102 4.48 3.83 -22.57
CA SER B 102 4.68 2.63 -23.35
C SER B 102 5.40 1.59 -22.50
N ILE B 103 4.91 0.37 -22.59
CA ILE B 103 5.49 -0.74 -21.84
C ILE B 103 5.92 -1.78 -22.87
N GLY B 104 7.20 -2.17 -22.82
CA GLY B 104 7.78 -3.04 -23.85
C GLY B 104 7.26 -4.46 -23.86
N LYS B 105 7.91 -5.33 -24.64
CA LYS B 105 7.47 -6.72 -24.74
C LYS B 105 8.05 -7.61 -23.62
N ASP B 106 7.20 -8.54 -23.17
CA ASP B 106 7.57 -9.57 -22.21
C ASP B 106 7.93 -9.00 -20.84
N CYS B 107 7.23 -7.94 -20.43
CA CYS B 107 7.37 -7.43 -19.09
C CYS B 107 6.56 -8.26 -18.12
N MET B 108 6.89 -8.15 -16.85
CA MET B 108 6.19 -8.86 -15.81
C MET B 108 5.97 -7.89 -14.65
N LEU B 109 4.77 -7.34 -14.53
CA LEU B 109 4.49 -6.35 -13.49
C LEU B 109 3.66 -6.96 -12.36
N ALA B 110 4.26 -7.01 -11.17
CA ALA B 110 3.59 -7.61 -10.03
C ALA B 110 2.51 -6.69 -9.48
N HIS B 111 1.59 -7.25 -8.70
CA HIS B 111 0.55 -6.46 -8.06
C HIS B 111 1.09 -5.21 -7.40
N GLY B 112 0.30 -4.15 -7.49
CA GLY B 112 0.55 -2.93 -6.73
C GLY B 112 1.18 -1.83 -7.54
N TYR B 113 1.35 -2.03 -8.84
CA TYR B 113 2.08 -1.04 -9.62
C TYR B 113 1.24 0.24 -9.71
N GLU B 114 1.91 1.37 -9.73
CA GLU B 114 1.27 2.65 -10.05
C GLU B 114 2.11 3.34 -11.08
N ILE B 115 1.52 3.60 -12.24
CA ILE B 115 2.29 4.16 -13.30
C ILE B 115 1.55 5.40 -13.80
N ARG B 116 2.26 6.51 -13.92
CA ARG B 116 1.61 7.72 -14.40
C ARG B 116 2.61 8.69 -15.00
N ASN B 117 2.17 9.48 -15.97
CA ASN B 117 3.03 10.44 -16.61
C ASN B 117 2.79 11.84 -16.08
N THR B 118 2.00 11.96 -15.01
CA THR B 118 1.40 13.24 -14.59
C THR B 118 1.19 13.24 -13.08
N ASP B 119 1.16 14.43 -12.48
CA ASP B 119 0.78 14.59 -11.08
C ASP B 119 -0.69 14.89 -10.94
N MET B 120 -1.32 15.23 -12.07
CA MET B 120 -2.74 15.54 -12.15
C MET B 120 -3.08 16.94 -11.61
N HIS B 121 -2.10 17.57 -10.95
CA HIS B 121 -2.26 18.93 -10.46
C HIS B 121 -0.96 19.70 -10.57
N PRO B 122 -1.06 21.02 -10.77
CA PRO B 122 0.13 21.85 -10.98
C PRO B 122 0.86 22.29 -9.71
N ILE B 123 2.17 22.39 -9.82
CA ILE B 123 2.98 23.02 -8.81
C ILE B 123 3.70 24.14 -9.51
N TYR B 124 3.58 25.35 -8.97
CA TYR B 124 4.23 26.53 -9.48
C TYR B 124 5.34 26.99 -8.56
N SER B 125 6.35 27.62 -9.16
CA SER B 125 7.38 28.33 -8.40
C SER B 125 6.84 29.69 -7.96
N LEU B 126 7.00 30.00 -6.69
CA LEU B 126 6.69 31.31 -6.15
C LEU B 126 7.68 32.32 -6.69
N GLU B 127 8.84 31.86 -7.15
CA GLU B 127 9.89 32.78 -7.56
C GLU B 127 9.59 33.43 -8.91
N ASN B 128 9.01 32.68 -9.84
CA ASN B 128 8.72 33.24 -11.15
C ASN B 128 7.31 32.91 -11.66
N GLY B 129 6.52 32.25 -10.80
CA GLY B 129 5.11 31.97 -11.04
C GLY B 129 4.87 30.88 -12.07
N GLU B 130 5.95 30.25 -12.54
CA GLU B 130 5.88 29.24 -13.57
C GLU B 130 5.50 27.89 -13.00
N ARG B 131 4.75 27.10 -13.76
CA ARG B 131 4.51 25.73 -13.40
C ARG B 131 5.80 24.91 -13.60
N ILE B 132 6.13 24.07 -12.63
CA ILE B 132 7.39 23.35 -12.66
C ILE B 132 7.27 21.82 -12.69
N ASN B 133 6.05 21.30 -12.75
CA ASN B 133 5.85 19.85 -12.76
C ASN B 133 5.04 19.37 -13.96
N HIS B 134 5.36 19.86 -15.15
CA HIS B 134 4.69 19.40 -16.35
C HIS B 134 4.82 17.88 -16.50
N GLY B 135 3.80 17.27 -17.11
CA GLY B 135 3.79 15.85 -17.35
C GLY B 135 4.87 15.43 -18.34
N LYS B 136 5.37 14.21 -18.19
CA LYS B 136 6.39 13.69 -19.12
C LYS B 136 6.16 12.21 -19.35
N ASP B 137 6.46 11.78 -20.56
CA ASP B 137 6.23 10.42 -21.00
C ASP B 137 7.00 9.43 -20.16
N VAL B 138 6.41 8.25 -19.98
CA VAL B 138 7.07 7.15 -19.30
C VAL B 138 7.39 6.06 -20.33
N ILE B 139 8.63 5.61 -20.33
CA ILE B 139 9.04 4.55 -21.23
C ILE B 139 9.60 3.38 -20.40
N ILE B 140 8.89 2.26 -20.41
CA ILE B 140 9.35 1.07 -19.71
C ILE B 140 9.82 0.10 -20.80
N GLY B 141 11.08 -0.31 -20.71
CA GLY B 141 11.73 -1.06 -21.80
C GLY B 141 11.23 -2.48 -21.92
N ASN B 142 11.84 -3.23 -22.83
CA ASN B 142 11.52 -4.64 -23.01
C ASN B 142 12.02 -5.47 -21.83
N HIS B 143 11.21 -6.44 -21.40
CA HIS B 143 11.63 -7.46 -20.44
C HIS B 143 11.98 -6.83 -19.11
N VAL B 144 11.05 -6.05 -18.60
CA VAL B 144 11.19 -5.40 -17.29
C VAL B 144 10.30 -6.10 -16.29
N TRP B 145 10.87 -6.39 -15.12
CA TRP B 145 10.14 -6.97 -14.03
C TRP B 145 9.97 -5.91 -12.93
N LEU B 146 8.73 -5.52 -12.67
CA LEU B 146 8.45 -4.64 -11.52
C LEU B 146 8.01 -5.55 -10.39
N GLY B 147 8.77 -5.58 -9.29
CA GLY B 147 8.34 -6.27 -8.08
C GLY B 147 7.10 -5.63 -7.48
N ARG B 148 6.62 -6.16 -6.37
CA ARG B 148 5.37 -5.72 -5.79
C ARG B 148 5.44 -4.24 -5.45
N ASN B 149 4.30 -3.57 -5.61
CA ASN B 149 4.09 -2.19 -5.15
C ASN B 149 5.16 -1.22 -5.55
N VAL B 150 5.45 -1.24 -6.84
CA VAL B 150 6.38 -0.32 -7.44
C VAL B 150 5.64 0.87 -8.05
N THR B 151 6.22 2.04 -7.89
CA THR B 151 5.63 3.25 -8.41
C THR B 151 6.56 3.86 -9.43
N ILE B 152 6.04 4.05 -10.63
CA ILE B 152 6.78 4.66 -11.71
C ILE B 152 6.15 6.01 -12.06
N LEU B 153 6.89 7.10 -11.85
CA LEU B 153 6.32 8.43 -11.96
C LEU B 153 6.72 9.06 -13.27
N LYS B 154 6.36 10.32 -13.44
CA LYS B 154 6.51 11.01 -14.72
C LYS B 154 7.95 11.09 -15.19
N GLY B 155 8.14 10.91 -16.50
CA GLY B 155 9.42 11.15 -17.14
C GLY B 155 10.46 10.04 -17.01
N VAL B 156 10.09 8.97 -16.32
CA VAL B 156 11.02 7.87 -16.05
C VAL B 156 11.14 6.93 -17.24
N CYS B 157 12.38 6.64 -17.61
CA CYS B 157 12.66 5.65 -18.64
C CYS B 157 13.43 4.50 -18.02
N ILE B 158 12.90 3.28 -18.18
CA ILE B 158 13.54 2.07 -17.69
C ILE B 158 14.17 1.26 -18.83
N PRO B 159 15.48 1.01 -18.74
CA PRO B 159 16.19 0.29 -19.79
C PRO B 159 15.64 -1.13 -19.95
N ASN B 160 16.11 -1.83 -20.97
CA ASN B 160 15.70 -3.20 -21.21
C ASN B 160 16.27 -4.13 -20.13
N ASN B 161 15.56 -5.21 -19.84
CA ASN B 161 16.07 -6.27 -18.95
C ASN B 161 16.48 -5.71 -17.60
N VAL B 162 15.48 -5.28 -16.86
CA VAL B 162 15.69 -4.66 -15.56
C VAL B 162 14.71 -5.22 -14.57
N VAL B 163 15.19 -5.37 -13.34
CA VAL B 163 14.35 -5.73 -12.22
C VAL B 163 14.30 -4.54 -11.28
N VAL B 164 13.08 -4.14 -10.92
CA VAL B 164 12.88 -3.13 -9.89
C VAL B 164 12.38 -3.81 -8.64
N GLY B 165 13.13 -3.65 -7.56
CA GLY B 165 12.81 -4.23 -6.27
C GLY B 165 11.49 -3.82 -5.63
N SER B 166 10.95 -4.74 -4.85
CA SER B 166 9.70 -4.57 -4.13
C SER B 166 9.63 -3.20 -3.46
N HIS B 167 8.49 -2.52 -3.63
CA HIS B 167 8.17 -1.22 -3.01
C HIS B 167 9.07 -0.04 -3.38
N THR B 168 9.82 -0.15 -4.46
CA THR B 168 10.67 0.94 -4.90
C THR B 168 9.83 2.03 -5.59
N VAL B 169 10.20 3.29 -5.40
CA VAL B 169 9.59 4.37 -6.17
C VAL B 169 10.63 5.00 -7.09
N LEU B 170 10.32 5.10 -8.39
CA LEU B 170 11.25 5.72 -9.34
C LEU B 170 10.82 7.14 -9.74
N TYR B 171 11.74 8.08 -9.61
CA TYR B 171 11.53 9.49 -9.92
C TYR B 171 12.40 9.88 -11.11
N LYS B 172 13.43 9.09 -11.37
CA LYS B 172 14.41 9.45 -12.39
C LYS B 172 14.64 8.29 -13.35
N SER B 173 15.05 8.62 -14.57
CA SER B 173 15.39 7.60 -15.56
C SER B 173 16.70 6.88 -15.21
N PHE B 174 16.86 5.68 -15.75
CA PHE B 174 18.11 4.92 -15.64
C PHE B 174 18.54 4.53 -17.06
N LYS B 175 19.85 4.34 -17.29
CA LYS B 175 20.37 4.06 -18.63
C LYS B 175 20.95 2.65 -18.80
N GLU B 176 21.26 2.02 -17.67
CA GLU B 176 21.91 0.72 -17.65
C GLU B 176 20.93 -0.42 -17.74
N PRO B 177 21.07 -1.28 -18.77
CA PRO B 177 20.25 -2.47 -18.83
C PRO B 177 20.85 -3.61 -18.02
N ASN B 178 20.09 -4.68 -17.84
CA ASN B 178 20.61 -5.89 -17.22
C ASN B 178 20.98 -5.63 -15.77
N CYS B 179 20.14 -4.89 -15.06
CA CYS B 179 20.44 -4.56 -13.68
C CYS B 179 19.25 -4.72 -12.75
N VAL B 180 19.52 -4.79 -11.44
CA VAL B 180 18.44 -4.72 -10.45
C VAL B 180 18.47 -3.33 -9.81
N ILE B 181 17.31 -2.71 -9.67
CA ILE B 181 17.21 -1.35 -9.13
C ILE B 181 16.36 -1.36 -7.88
N ALA B 182 16.82 -0.68 -6.83
CA ALA B 182 16.09 -0.68 -5.55
C ALA B 182 16.50 0.42 -4.59
N GLY B 183 15.78 0.50 -3.47
CA GLY B 183 16.12 1.41 -2.41
C GLY B 183 15.48 2.77 -2.56
N SER B 184 15.77 3.62 -1.60
CA SER B 184 15.26 4.97 -1.58
C SER B 184 16.39 5.87 -1.16
N PRO B 185 16.86 6.74 -2.07
CA PRO B 185 16.52 6.86 -3.50
C PRO B 185 16.78 5.58 -4.30
N ALA B 186 16.03 5.38 -5.39
CA ALA B 186 16.22 4.21 -6.23
C ALA B 186 17.64 4.21 -6.78
N LYS B 187 18.28 3.05 -6.77
CA LYS B 187 19.68 2.95 -7.14
C LYS B 187 19.92 1.60 -7.81
N ILE B 188 20.91 1.50 -8.70
CA ILE B 188 21.33 0.21 -9.19
C ILE B 188 21.96 -0.52 -8.01
N VAL B 189 21.45 -1.70 -7.66
CA VAL B 189 22.06 -2.47 -6.58
C VAL B 189 22.67 -3.77 -7.06
N LYS B 190 22.52 -4.07 -8.34
CA LYS B 190 23.16 -5.27 -8.88
C LYS B 190 23.22 -5.12 -10.39
N GLU B 191 24.32 -5.55 -10.98
CA GLU B 191 24.55 -5.39 -12.41
C GLU B 191 24.80 -6.72 -13.08
N ASN B 192 24.53 -6.78 -14.37
CA ASN B 192 24.86 -7.94 -15.18
C ASN B 192 24.02 -9.17 -14.92
N ILE B 193 22.72 -8.97 -14.86
CA ILE B 193 21.81 -10.07 -14.64
C ILE B 193 20.76 -10.09 -15.72
N VAL B 194 20.06 -11.20 -15.77
CA VAL B 194 18.87 -11.31 -16.56
C VAL B 194 17.88 -12.08 -15.71
N TRP B 195 16.62 -11.68 -15.76
CA TRP B 195 15.59 -12.38 -15.02
C TRP B 195 14.80 -13.24 -15.96
N GLY B 196 14.09 -14.22 -15.40
CA GLY B 196 13.19 -15.06 -16.16
C GLY B 196 11.97 -15.36 -15.32
N ARG B 197 10.98 -16.01 -15.91
CA ARG B 197 9.73 -16.19 -15.24
C ARG B 197 9.67 -17.49 -14.44
N LYS B 198 10.52 -18.45 -14.79
CA LYS B 198 10.35 -19.82 -14.34
C LYS B 198 11.51 -20.28 -13.48
N MET B 199 11.23 -20.55 -12.21
CA MET B 199 12.26 -20.94 -11.26
C MET B 199 12.85 -22.30 -11.63
N TYR B 200 12.06 -23.13 -12.31
CA TYR B 200 12.47 -24.49 -12.64
C TYR B 200 13.56 -24.54 -13.72
N HIS B 201 13.74 -23.44 -14.44
CA HIS B 201 14.85 -23.35 -15.39
C HIS B 201 16.10 -23.03 -14.60
N SER B 202 16.99 -24.02 -14.48
CA SER B 202 18.17 -23.87 -13.62
C SER B 202 19.04 -22.70 -14.04
N THR B 203 19.28 -22.59 -15.34
CA THR B 203 20.20 -21.60 -15.87
C THR B 203 19.50 -20.82 -16.95
N MET B 204 20.01 -19.64 -17.27
CA MET B 204 19.42 -18.87 -18.36
C MET B 204 19.45 -19.63 -19.69
N TYR B 205 20.31 -20.65 -19.79
CA TYR B 205 20.40 -21.43 -21.02
C TYR B 205 19.25 -22.43 -21.19
N ASP B 206 18.53 -22.71 -20.10
CA ASP B 206 17.39 -23.63 -20.14
C ASP B 206 16.11 -22.92 -20.57
N ASP B 207 16.18 -21.60 -20.70
CA ASP B 207 15.00 -20.79 -20.98
C ASP B 207 15.14 -20.11 -22.32
N PRO B 208 14.47 -20.65 -23.35
CA PRO B 208 14.66 -20.17 -24.71
C PRO B 208 14.28 -18.70 -24.84
N THR B 209 13.45 -18.22 -23.93
CA THR B 209 12.98 -16.82 -24.01
C THR B 209 14.09 -15.83 -23.72
N LEU B 210 15.18 -16.30 -23.11
CA LEU B 210 16.27 -15.43 -22.67
C LEU B 210 17.45 -15.40 -23.65
N ASN B 211 17.38 -16.20 -24.71
CA ASN B 211 18.44 -16.24 -25.72
C ASN B 211 18.99 -14.86 -26.05
N GLU B 212 18.09 -13.92 -26.29
CA GLU B 212 18.46 -12.63 -26.85
C GLU B 212 19.22 -11.74 -25.87
N PHE B 213 19.07 -11.99 -24.57
CA PHE B 213 19.68 -11.10 -23.58
C PHE B 213 21.14 -11.45 -23.33
N TYR B 214 21.59 -12.59 -23.84
CA TYR B 214 23.01 -12.89 -23.83
C TYR B 214 23.45 -13.28 -25.24
N TYR C 6 -12.73 -27.79 4.91
CA TYR C 6 -11.56 -27.78 3.98
C TYR C 6 -11.76 -28.73 2.83
N SER C 7 -10.87 -28.64 1.84
CA SER C 7 -10.84 -29.62 0.77
C SER C 7 -9.44 -30.24 0.70
N GLU C 8 -9.42 -31.57 0.64
CA GLU C 8 -8.18 -32.34 0.78
C GLU C 8 -8.14 -33.41 -0.30
N GLN C 9 -7.04 -33.46 -1.07
CA GLN C 9 -6.84 -34.50 -2.12
C GLN C 9 -5.41 -35.02 -2.04
N GLY C 10 -5.22 -36.33 -2.12
CA GLY C 10 -3.88 -36.90 -1.94
C GLY C 10 -3.93 -38.00 -0.90
N ILE C 11 -2.77 -38.54 -0.55
CA ILE C 11 -2.71 -39.61 0.42
C ILE C 11 -1.87 -39.16 1.61
N ASN C 12 -2.09 -39.83 2.75
CA ASN C 12 -1.31 -39.53 3.93
C ASN C 12 -1.26 -38.02 4.26
N ASN C 13 -2.38 -37.32 4.03
CA ASN C 13 -2.50 -35.94 4.49
C ASN C 13 -3.19 -35.95 5.86
N THR C 14 -2.68 -35.16 6.79
CA THR C 14 -3.27 -35.08 8.12
C THR C 14 -3.72 -33.66 8.43
N ILE C 15 -4.94 -33.52 8.95
CA ILE C 15 -5.51 -32.22 9.29
C ILE C 15 -6.12 -32.32 10.68
N ASN C 16 -5.50 -31.64 11.65
CA ASN C 16 -6.00 -31.61 13.04
C ASN C 16 -6.31 -30.19 13.40
N ILE C 17 -7.60 -29.87 13.48
CA ILE C 17 -8.05 -28.54 13.87
C ILE C 17 -8.85 -28.70 15.14
N SER C 18 -8.41 -28.09 16.23
CA SER C 18 -9.07 -28.32 17.49
C SER C 18 -10.52 -27.92 17.43
N THR C 19 -11.32 -28.66 18.18
CA THR C 19 -12.74 -28.47 18.26
C THR C 19 -13.08 -27.11 18.89
N THR C 20 -12.11 -26.50 19.54
CA THR C 20 -12.39 -25.27 20.29
C THR C 20 -11.97 -24.05 19.50
N SER C 21 -11.61 -24.27 18.24
CA SER C 21 -11.13 -23.20 17.39
C SER C 21 -12.15 -22.82 16.34
N LEU C 22 -12.19 -21.53 16.03
CA LEU C 22 -13.11 -20.99 15.03
C LEU C 22 -12.36 -20.86 13.72
N THR C 23 -12.98 -21.25 12.62
CA THR C 23 -12.40 -21.07 11.29
C THR C 23 -13.40 -20.46 10.32
N ASN C 24 -14.26 -19.59 10.85
CA ASN C 24 -15.33 -18.96 10.06
C ASN C 24 -14.81 -18.35 8.79
N ALA C 25 -15.45 -18.67 7.66
CA ALA C 25 -15.17 -18.01 6.39
C ALA C 25 -13.74 -18.28 5.94
N THR C 26 -13.12 -19.32 6.45
CA THR C 26 -11.78 -19.59 6.00
C THR C 26 -11.85 -20.82 5.08
N GLN C 27 -11.17 -20.73 3.95
CA GLN C 27 -11.00 -21.85 3.04
C GLN C 27 -9.61 -22.45 3.20
N LEU C 28 -9.55 -23.77 3.38
CA LEU C 28 -8.28 -24.47 3.48
C LEU C 28 -8.23 -25.56 2.42
N THR C 29 -7.17 -25.55 1.62
CA THR C 29 -7.05 -26.43 0.48
C THR C 29 -5.72 -27.16 0.56
N VAL C 30 -5.76 -28.48 0.52
CA VAL C 30 -4.53 -29.25 0.62
C VAL C 30 -4.54 -30.21 -0.56
N ILE C 31 -3.48 -30.14 -1.36
CA ILE C 31 -3.40 -30.96 -2.58
C ILE C 31 -2.03 -31.57 -2.64
N GLY C 32 -1.97 -32.88 -2.48
CA GLY C 32 -0.69 -33.54 -2.48
C GLY C 32 -0.71 -34.64 -1.45
N ASN C 33 0.53 -35.16 -1.19
CA ASN C 33 0.68 -36.30 -0.28
C ASN C 33 1.63 -35.94 0.89
N ASN C 34 1.37 -36.53 2.05
CA ASN C 34 2.30 -36.41 3.17
C ASN C 34 2.33 -34.98 3.76
N ASN C 35 1.20 -34.28 3.67
CA ASN C 35 1.09 -32.92 4.19
C ASN C 35 0.44 -32.95 5.57
N SER C 36 0.75 -31.94 6.39
CA SER C 36 0.28 -31.94 7.77
C SER C 36 -0.17 -30.52 8.14
N VAL C 37 -1.38 -30.41 8.65
CA VAL C 37 -1.91 -29.16 9.15
C VAL C 37 -2.33 -29.39 10.60
N TYR C 38 -1.82 -28.55 11.49
CA TYR C 38 -2.30 -28.54 12.87
C TYR C 38 -2.69 -27.13 13.27
N ILE C 39 -3.87 -27.01 13.86
CA ILE C 39 -4.35 -25.76 14.42
C ILE C 39 -4.76 -26.07 15.86
N GLY C 40 -4.12 -25.39 16.80
CA GLY C 40 -4.26 -25.68 18.22
C GLY C 40 -5.55 -25.16 18.82
N ASN C 41 -5.56 -25.08 20.14
CA ASN C 41 -6.77 -24.72 20.88
C ASN C 41 -7.06 -23.23 20.95
N ASN C 42 -8.35 -22.90 20.94
CA ASN C 42 -8.80 -21.52 21.12
C ASN C 42 -8.23 -20.54 20.09
N CYS C 43 -7.97 -21.03 18.88
CA CYS C 43 -7.58 -20.16 17.80
C CYS C 43 -8.80 -19.56 17.12
N LYS C 44 -8.59 -18.45 16.44
CA LYS C 44 -9.60 -17.89 15.54
C LYS C 44 -8.88 -17.63 14.24
N ILE C 45 -9.10 -18.48 13.27
CA ILE C 45 -8.44 -18.34 11.99
C ILE C 45 -9.55 -18.04 11.00
N VAL C 46 -9.80 -16.74 10.75
CA VAL C 46 -11.01 -16.35 10.05
C VAL C 46 -10.74 -15.61 8.76
N SER C 47 -11.69 -15.76 7.84
CA SER C 47 -11.69 -15.05 6.58
C SER C 47 -10.37 -15.20 5.84
N SER C 48 -9.76 -16.36 5.96
CA SER C 48 -8.44 -16.60 5.41
C SER C 48 -8.47 -17.56 4.22
N ASN C 49 -7.41 -17.56 3.42
CA ASN C 49 -7.32 -18.43 2.23
C ASN C 49 -5.98 -19.13 2.24
N ILE C 50 -6.00 -20.40 2.58
CA ILE C 50 -4.77 -21.11 2.87
C ILE C 50 -4.65 -22.29 1.94
N ARG C 51 -3.52 -22.35 1.27
CA ARG C 51 -3.39 -23.38 0.27
C ARG C 51 -2.06 -24.10 0.35
N LEU C 52 -2.14 -25.42 0.42
CA LEU C 52 -0.99 -26.29 0.40
C LEU C 52 -1.05 -27.13 -0.87
N LYS C 53 0.01 -27.07 -1.67
CA LYS C 53 0.01 -27.73 -2.97
C LYS C 53 1.35 -28.34 -3.23
N GLY C 54 1.42 -29.65 -3.07
CA GLY C 54 2.67 -30.36 -3.18
C GLY C 54 2.74 -31.49 -2.18
N ASN C 55 3.99 -31.92 -1.89
CA ASN C 55 4.22 -33.05 -1.01
C ASN C 55 4.99 -32.58 0.21
N ASN C 56 4.77 -33.25 1.33
CA ASN C 56 5.55 -33.03 2.55
C ASN C 56 5.53 -31.57 3.02
N ILE C 57 4.36 -30.97 2.99
CA ILE C 57 4.19 -29.59 3.47
C ILE C 57 3.71 -29.62 4.91
N THR C 58 4.16 -28.65 5.71
CA THR C 58 3.77 -28.54 7.12
C THR C 58 3.23 -27.15 7.46
N LEU C 59 2.01 -27.07 7.99
CA LEU C 59 1.46 -25.84 8.56
C LEU C 59 1.15 -26.11 10.03
N PHE C 60 1.84 -25.40 10.91
CA PHE C 60 1.70 -25.58 12.34
C PHE C 60 1.32 -24.26 12.98
N ILE C 61 0.14 -24.22 13.59
CA ILE C 61 -0.34 -22.99 14.23
C ILE C 61 -0.71 -23.39 15.65
N ALA C 62 -0.01 -22.83 16.62
CA ALA C 62 -0.18 -23.25 18.01
C ALA C 62 -1.46 -22.66 18.64
N ASP C 63 -1.63 -22.88 19.94
CA ASP C 63 -2.78 -22.40 20.69
C ASP C 63 -2.86 -20.87 20.69
N ASP C 64 -4.09 -20.38 20.80
CA ASP C 64 -4.38 -18.96 21.02
C ASP C 64 -3.85 -18.01 19.95
N VAL C 65 -3.78 -18.50 18.72
CA VAL C 65 -3.40 -17.70 17.58
C VAL C 65 -4.67 -17.16 16.93
N GLU C 66 -4.64 -15.87 16.63
CA GLU C 66 -5.79 -15.23 15.99
C GLU C 66 -5.31 -14.65 14.68
N ILE C 67 -5.96 -15.04 13.59
CA ILE C 67 -5.57 -14.62 12.26
C ILE C 67 -6.81 -14.17 11.49
N MET C 68 -6.77 -13.00 10.86
CA MET C 68 -7.90 -12.50 10.11
C MET C 68 -7.45 -11.97 8.76
N GLY C 69 -7.87 -12.66 7.71
CA GLY C 69 -7.61 -12.25 6.33
C GLY C 69 -6.24 -12.64 5.83
N LEU C 70 -5.72 -13.80 6.24
CA LEU C 70 -4.43 -14.24 5.74
C LEU C 70 -4.60 -14.95 4.40
N VAL C 71 -3.76 -14.60 3.43
CA VAL C 71 -3.62 -15.32 2.18
C VAL C 71 -2.25 -16.00 2.23
N CYS C 72 -2.27 -17.33 2.19
CA CYS C 72 -1.07 -18.09 2.43
C CYS C 72 -0.94 -19.21 1.41
N SER C 73 0.23 -19.30 0.81
CA SER C 73 0.50 -20.20 -0.26
C SER C 73 1.75 -20.99 0.09
N LEU C 74 1.64 -22.31 0.24
CA LEU C 74 2.80 -23.16 0.48
C LEU C 74 2.98 -24.19 -0.63
N HIS C 75 4.21 -24.34 -1.09
CA HIS C 75 4.56 -25.31 -2.11
C HIS C 75 5.30 -26.51 -1.51
N SER C 76 5.74 -27.42 -2.38
CA SER C 76 6.32 -28.67 -1.91
C SER C 76 7.47 -28.51 -0.94
N ASP C 77 7.41 -29.32 0.12
CA ASP C 77 8.48 -29.41 1.12
C ASP C 77 8.66 -28.13 1.92
N CYS C 78 7.62 -27.30 1.92
CA CYS C 78 7.70 -26.05 2.66
C CYS C 78 7.06 -26.19 4.03
N SER C 79 7.40 -25.28 4.94
CA SER C 79 6.77 -25.31 6.25
C SER C 79 6.56 -23.91 6.80
N LEU C 80 5.41 -23.71 7.44
CA LEU C 80 5.11 -22.47 8.15
C LEU C 80 4.74 -22.85 9.58
N GLN C 81 5.42 -22.23 10.56
CA GLN C 81 5.16 -22.47 11.97
C GLN C 81 4.83 -21.12 12.61
N ILE C 82 3.71 -21.04 13.30
CA ILE C 82 3.31 -19.82 14.04
C ILE C 82 3.04 -20.22 15.49
N GLN C 83 3.81 -19.67 16.43
CA GLN C 83 3.73 -20.08 17.82
C GLN C 83 2.65 -19.34 18.61
N ALA C 84 2.48 -19.76 19.86
CA ALA C 84 1.29 -19.44 20.64
C ALA C 84 1.08 -17.94 20.85
N LYS C 85 -0.19 -17.55 20.85
CA LYS C 85 -0.64 -16.21 21.24
C LYS C 85 -0.31 -15.11 20.23
N THR C 86 0.18 -15.49 19.05
CA THR C 86 0.45 -14.54 17.98
C THR C 86 -0.87 -14.08 17.35
N THR C 87 -0.96 -12.80 16.99
CA THR C 87 -2.15 -12.23 16.35
C THR C 87 -1.70 -11.63 15.03
N MET C 88 -2.54 -11.79 14.01
CA MET C 88 -2.23 -11.34 12.68
C MET C 88 -3.48 -10.78 12.02
N GLY C 89 -3.39 -9.59 11.43
CA GLY C 89 -4.49 -9.00 10.64
C GLY C 89 -4.43 -9.48 9.19
N ASN C 90 -4.92 -8.68 8.26
CA ASN C 90 -4.88 -9.06 6.84
C ASN C 90 -3.45 -9.07 6.29
N GLY C 91 -3.12 -10.06 5.46
CA GLY C 91 -1.78 -10.09 4.91
C GLY C 91 -1.52 -11.31 4.04
N GLU C 92 -0.28 -11.43 3.60
CA GLU C 92 0.14 -12.46 2.67
C GLU C 92 1.43 -13.12 3.09
N ILE C 93 1.44 -14.46 3.04
CA ILE C 93 2.64 -15.25 3.32
C ILE C 93 2.79 -16.26 2.20
N THR C 94 3.97 -16.26 1.60
CA THR C 94 4.27 -17.16 0.50
C THR C 94 5.54 -17.90 0.78
N ILE C 95 5.53 -19.22 0.60
CA ILE C 95 6.69 -20.03 0.84
C ILE C 95 6.86 -20.94 -0.36
N ALA C 96 8.02 -20.88 -0.99
CA ALA C 96 8.31 -21.82 -2.06
C ALA C 96 9.72 -22.33 -1.89
N GLU C 97 10.21 -23.02 -2.92
CA GLU C 97 11.60 -23.44 -2.99
C GLU C 97 11.98 -24.29 -1.78
N LYS C 98 11.01 -25.08 -1.32
CA LYS C 98 11.22 -26.04 -0.27
C LYS C 98 11.77 -25.40 1.01
N GLY C 99 11.35 -24.16 1.30
CA GLY C 99 11.86 -23.38 2.45
C GLY C 99 10.93 -23.33 3.65
N LYS C 100 11.26 -22.46 4.61
CA LYS C 100 10.54 -22.39 5.87
C LYS C 100 10.41 -20.95 6.30
N ILE C 101 9.25 -20.65 6.86
CA ILE C 101 9.05 -19.41 7.60
C ILE C 101 8.55 -19.74 8.99
N SER C 102 9.16 -19.11 10.00
CA SER C 102 8.65 -19.22 11.38
C SER C 102 8.38 -17.86 12.00
N ILE C 103 7.31 -17.86 12.78
CA ILE C 103 6.84 -16.70 13.51
C ILE C 103 6.75 -17.15 14.96
N GLY C 104 7.42 -16.45 15.86
CA GLY C 104 7.54 -16.90 17.26
C GLY C 104 6.32 -16.59 18.12
N LYS C 105 6.47 -16.68 19.44
CA LYS C 105 5.35 -16.57 20.37
C LYS C 105 4.94 -15.11 20.56
N ASP C 106 3.65 -14.88 20.68
CA ASP C 106 3.11 -13.57 21.05
C ASP C 106 3.59 -12.46 20.10
N CYS C 107 3.57 -12.73 18.81
CA CYS C 107 3.83 -11.66 17.83
C CYS C 107 2.53 -10.95 17.51
N MET C 108 2.63 -9.76 16.94
CA MET C 108 1.49 -8.92 16.62
C MET C 108 1.77 -8.32 15.24
N LEU C 109 1.06 -8.80 14.21
CA LEU C 109 1.26 -8.33 12.84
C LEU C 109 0.04 -7.53 12.38
N ALA C 110 0.26 -6.25 12.11
CA ALA C 110 -0.80 -5.36 11.74
C ALA C 110 -1.20 -5.64 10.28
N HIS C 111 -2.39 -5.16 9.89
CA HIS C 111 -2.91 -5.34 8.52
C HIS C 111 -1.84 -4.96 7.53
N GLY C 112 -1.73 -5.69 6.44
CA GLY C 112 -0.86 -5.30 5.33
C GLY C 112 0.49 -6.00 5.21
N TYR C 113 0.77 -7.00 6.04
CA TYR C 113 2.08 -7.64 5.97
C TYR C 113 2.20 -8.45 4.67
N GLU C 114 3.40 -8.50 4.14
CA GLU C 114 3.76 -9.37 3.05
C GLU C 114 5.08 -10.00 3.46
N ILE C 115 5.05 -11.32 3.59
CA ILE C 115 6.19 -12.10 4.08
C ILE C 115 6.45 -13.25 3.09
N ARG C 116 7.68 -13.36 2.61
CA ARG C 116 8.01 -14.38 1.62
C ARG C 116 9.45 -14.80 1.77
N ASN C 117 9.73 -16.05 1.46
CA ASN C 117 11.07 -16.63 1.46
C ASN C 117 11.59 -16.75 0.03
N THR C 118 10.81 -16.24 -0.91
CA THR C 118 11.09 -16.42 -2.31
C THR C 118 10.73 -15.17 -3.12
N ASP C 119 11.49 -14.93 -4.19
CA ASP C 119 11.16 -13.87 -5.12
C ASP C 119 10.15 -14.35 -6.16
N MET C 120 9.92 -15.66 -6.20
CA MET C 120 8.98 -16.33 -7.13
C MET C 120 9.49 -16.45 -8.57
N HIS C 121 10.55 -15.72 -8.88
CA HIS C 121 11.07 -15.72 -10.22
C HIS C 121 12.58 -15.62 -10.17
N PRO C 122 13.26 -16.36 -11.06
CA PRO C 122 14.69 -16.43 -10.95
C PRO C 122 15.37 -15.21 -11.52
N ILE C 123 16.50 -14.87 -10.94
CA ILE C 123 17.42 -13.93 -11.53
C ILE C 123 18.73 -14.66 -11.76
N TYR C 124 19.21 -14.63 -12.99
CA TYR C 124 20.43 -15.33 -13.34
C TYR C 124 21.57 -14.35 -13.55
N SER C 125 22.79 -14.83 -13.29
CA SER C 125 23.97 -14.06 -13.59
C SER C 125 24.29 -14.22 -15.07
N LEU C 126 24.55 -13.11 -15.77
CA LEU C 126 24.99 -13.15 -17.17
C LEU C 126 26.35 -13.83 -17.28
N GLU C 127 27.16 -13.65 -16.24
CA GLU C 127 28.55 -14.09 -16.25
C GLU C 127 28.62 -15.60 -16.46
N ASN C 128 27.78 -16.34 -15.75
CA ASN C 128 27.88 -17.81 -15.79
C ASN C 128 26.52 -18.48 -15.98
N GLY C 129 25.47 -17.68 -16.10
CA GLY C 129 24.13 -18.18 -16.41
C GLY C 129 23.40 -18.74 -15.21
N GLU C 130 24.08 -18.74 -14.08
CA GLU C 130 23.61 -19.34 -12.84
C GLU C 130 22.58 -18.44 -12.14
N ARG C 131 21.62 -19.08 -11.46
CA ARG C 131 20.66 -18.38 -10.63
C ARG C 131 21.32 -17.88 -9.35
N ILE C 132 21.07 -16.60 -9.03
CA ILE C 132 21.72 -15.94 -7.89
C ILE C 132 20.76 -15.33 -6.85
N ASN C 133 19.47 -15.61 -6.97
CA ASN C 133 18.51 -15.16 -5.97
C ASN C 133 17.73 -16.35 -5.45
N HIS C 134 18.43 -17.38 -5.01
CA HIS C 134 17.76 -18.53 -4.44
C HIS C 134 17.00 -18.10 -3.19
N GLY C 135 15.90 -18.81 -2.91
CA GLY C 135 15.12 -18.50 -1.72
C GLY C 135 15.88 -18.77 -0.45
N LYS C 136 15.58 -18.01 0.60
CA LYS C 136 16.13 -18.22 1.94
C LYS C 136 15.06 -18.10 3.03
N ASP C 137 15.26 -18.85 4.11
CA ASP C 137 14.28 -18.96 5.18
C ASP C 137 14.07 -17.64 5.90
N VAL C 138 12.86 -17.43 6.40
CA VAL C 138 12.51 -16.25 7.20
C VAL C 138 12.24 -16.69 8.62
N ILE C 139 12.85 -16.01 9.58
CA ILE C 139 12.61 -16.25 10.99
C ILE C 139 12.22 -14.96 11.67
N ILE C 140 10.99 -14.89 12.18
CA ILE C 140 10.55 -13.75 12.98
C ILE C 140 10.55 -14.24 14.40
N GLY C 141 11.34 -13.59 15.24
CA GLY C 141 11.51 -14.01 16.61
C GLY C 141 10.25 -13.88 17.44
N ASN C 142 10.38 -14.20 18.73
CA ASN C 142 9.31 -14.05 19.69
C ASN C 142 9.00 -12.59 19.96
N HIS C 143 7.71 -12.30 20.16
CA HIS C 143 7.28 -10.96 20.56
C HIS C 143 7.82 -9.91 19.59
N VAL C 144 7.47 -10.09 18.32
CA VAL C 144 7.72 -9.11 17.29
C VAL C 144 6.41 -8.45 16.87
N TRP C 145 6.44 -7.12 16.79
CA TRP C 145 5.29 -6.32 16.38
C TRP C 145 5.61 -5.72 15.01
N LEU C 146 4.86 -6.12 13.99
CA LEU C 146 4.99 -5.49 12.67
C LEU C 146 3.89 -4.46 12.52
N GLY C 147 4.27 -3.21 12.32
CA GLY C 147 3.32 -2.14 12.09
C GLY C 147 2.65 -2.36 10.76
N ARG C 148 1.84 -1.40 10.34
CA ARG C 148 1.04 -1.54 9.14
C ARG C 148 1.90 -1.65 7.90
N ASN C 149 1.46 -2.50 6.96
CA ASN C 149 2.08 -2.56 5.64
C ASN C 149 3.56 -2.76 5.63
N VAL C 150 4.00 -3.73 6.44
CA VAL C 150 5.40 -4.14 6.48
C VAL C 150 5.67 -5.33 5.56
N THR C 151 6.82 -5.28 4.89
CA THR C 151 7.21 -6.32 3.93
C THR C 151 8.47 -6.98 4.46
N ILE C 152 8.47 -8.31 4.54
CA ILE C 152 9.64 -9.06 4.99
C ILE C 152 10.06 -10.01 3.83
N LEU C 153 11.25 -9.79 3.29
CA LEU C 153 11.71 -10.53 2.13
C LEU C 153 12.60 -11.67 2.57
N LYS C 154 13.07 -12.45 1.59
CA LYS C 154 13.71 -13.72 1.88
C LYS C 154 14.97 -13.56 2.71
N GLY C 155 15.21 -14.51 3.59
CA GLY C 155 16.44 -14.58 4.35
C GLY C 155 16.44 -13.78 5.64
N VAL C 156 15.42 -12.96 5.83
CA VAL C 156 15.39 -12.03 6.97
C VAL C 156 15.10 -12.71 8.31
N CYS C 157 15.97 -12.47 9.27
CA CYS C 157 15.72 -12.89 10.63
CA CYS C 157 15.74 -12.89 10.64
C CYS C 157 15.50 -11.64 11.49
N ILE C 158 14.43 -11.64 12.28
CA ILE C 158 14.12 -10.52 13.18
C ILE C 158 14.37 -11.01 14.61
N PRO C 159 15.19 -10.29 15.38
CA PRO C 159 15.38 -10.69 16.77
C PRO C 159 14.10 -10.63 17.63
N ASN C 160 14.17 -11.21 18.83
CA ASN C 160 13.07 -11.16 19.78
C ASN C 160 12.79 -9.69 20.24
N ASN C 161 11.54 -9.39 20.57
CA ASN C 161 11.13 -8.10 21.17
C ASN C 161 11.54 -6.90 20.29
N VAL C 162 11.04 -6.87 19.07
CA VAL C 162 11.38 -5.83 18.09
C VAL C 162 10.09 -5.25 17.56
N VAL C 163 10.07 -3.92 17.34
CA VAL C 163 8.97 -3.29 16.64
C VAL C 163 9.45 -2.85 15.27
N VAL C 164 8.71 -3.20 14.23
CA VAL C 164 9.01 -2.71 12.89
C VAL C 164 7.99 -1.65 12.49
N GLY C 165 8.49 -0.50 12.06
CA GLY C 165 7.68 0.68 11.89
C GLY C 165 6.83 0.57 10.62
N SER C 166 5.74 1.30 10.60
CA SER C 166 4.81 1.30 9.49
CA SER C 166 4.82 1.18 9.47
C SER C 166 5.50 1.45 8.12
N HIS C 167 5.09 0.66 7.12
CA HIS C 167 5.59 0.73 5.75
C HIS C 167 7.08 0.44 5.58
N THR C 168 7.71 -0.20 6.55
CA THR C 168 9.11 -0.59 6.41
C THR C 168 9.25 -1.87 5.59
N VAL C 169 10.30 -1.93 4.78
CA VAL C 169 10.64 -3.11 3.99
C VAL C 169 11.92 -3.71 4.57
N LEU C 170 11.88 -4.95 5.04
CA LEU C 170 13.12 -5.60 5.51
C LEU C 170 13.67 -6.50 4.41
N TYR C 171 14.90 -6.23 3.96
CA TYR C 171 15.54 -7.05 2.95
C TYR C 171 16.77 -7.75 3.54
N LYS C 172 17.20 -7.32 4.73
CA LYS C 172 18.27 -8.06 5.41
C LYS C 172 18.09 -8.15 6.91
N SER C 173 18.77 -9.14 7.50
CA SER C 173 18.59 -9.49 8.89
C SER C 173 19.15 -8.45 9.86
N PHE C 174 18.59 -8.45 11.08
CA PHE C 174 19.08 -7.67 12.22
C PHE C 174 19.42 -8.62 13.36
N LYS C 175 20.28 -8.18 14.28
CA LYS C 175 20.69 -8.98 15.42
C LYS C 175 20.35 -8.34 16.78
N GLU C 176 20.14 -7.03 16.82
CA GLU C 176 19.82 -6.32 18.08
C GLU C 176 18.38 -6.55 18.56
N PRO C 177 18.19 -7.13 19.76
CA PRO C 177 16.83 -7.25 20.25
C PRO C 177 16.38 -5.97 20.95
N ASN C 178 15.12 -5.93 21.38
CA ASN C 178 14.61 -4.84 22.20
C ASN C 178 14.74 -3.49 21.47
N CYS C 179 14.46 -3.46 20.16
CA CYS C 179 14.55 -2.21 19.46
C CYS C 179 13.37 -1.94 18.51
N VAL C 180 13.38 -0.73 17.96
CA VAL C 180 12.47 -0.32 16.89
C VAL C 180 13.26 -0.15 15.61
N ILE C 181 12.79 -0.77 14.53
CA ILE C 181 13.43 -0.69 13.23
C ILE C 181 12.44 -0.02 12.28
N ALA C 182 12.90 0.99 11.55
CA ALA C 182 12.04 1.75 10.64
C ALA C 182 12.83 2.48 9.59
N GLY C 183 12.14 2.96 8.57
CA GLY C 183 12.75 3.80 7.54
C GLY C 183 13.15 3.02 6.30
N SER C 184 13.62 3.76 5.29
CA SER C 184 14.23 3.16 4.12
C SER C 184 15.54 3.87 3.82
N PRO C 185 16.65 3.12 3.90
CA PRO C 185 16.65 1.71 4.22
C PRO C 185 16.40 1.46 5.71
N ALA C 186 15.77 0.34 6.01
CA ALA C 186 15.42 -0.03 7.38
C ALA C 186 16.65 0.07 8.31
N LYS C 187 16.51 0.78 9.41
CA LYS C 187 17.55 0.74 10.42
C LYS C 187 16.98 0.84 11.81
N ILE C 188 17.80 0.47 12.78
CA ILE C 188 17.46 0.66 14.19
C ILE C 188 17.29 2.15 14.46
N VAL C 189 16.13 2.55 14.96
CA VAL C 189 15.88 3.95 15.27
C VAL C 189 15.65 4.20 16.74
N LYS C 190 15.49 3.14 17.51
CA LYS C 190 15.34 3.27 18.95
C LYS C 190 15.78 1.97 19.61
N GLU C 191 16.55 2.08 20.69
CA GLU C 191 17.04 0.89 21.40
C GLU C 191 16.50 0.76 22.82
N ASN C 192 16.61 -0.43 23.39
CA ASN C 192 16.31 -0.61 24.81
C ASN C 192 14.86 -0.36 25.11
N ILE C 193 13.99 -0.99 24.33
CA ILE C 193 12.55 -0.87 24.57
C ILE C 193 11.88 -2.22 24.70
N VAL C 194 10.63 -2.20 25.12
CA VAL C 194 9.78 -3.39 25.05
C VAL C 194 8.37 -2.90 24.71
N TRP C 195 7.68 -3.59 23.81
CA TRP C 195 6.32 -3.19 23.46
C TRP C 195 5.32 -4.11 24.15
N GLY C 196 4.09 -3.66 24.27
CA GLY C 196 3.00 -4.51 24.80
C GLY C 196 1.73 -4.25 24.03
N ARG C 197 0.67 -4.97 24.38
CA ARG C 197 -0.60 -4.88 23.63
C ARG C 197 -1.56 -3.80 24.15
N LYS C 198 -1.47 -3.44 25.42
CA LYS C 198 -2.55 -2.72 26.11
C LYS C 198 -2.17 -1.30 26.47
N MET C 199 -2.77 -0.33 25.79
CA MET C 199 -2.47 1.06 26.11
C MET C 199 -2.97 1.47 27.50
N TYR C 200 -3.92 0.73 28.07
CA TYR C 200 -4.45 1.15 29.35
C TYR C 200 -3.43 1.02 30.49
N HIS C 201 -2.40 0.20 30.30
CA HIS C 201 -1.40 0.01 31.36
C HIS C 201 -0.47 1.21 31.60
N SER C 202 -0.14 1.43 32.87
CA SER C 202 0.72 2.53 33.24
C SER C 202 2.14 2.29 32.76
N THR C 203 2.66 1.10 33.06
CA THR C 203 4.08 0.83 32.86
C THR C 203 4.28 -0.62 32.43
N MET C 204 5.49 -0.96 32.01
CA MET C 204 5.75 -2.32 31.56
C MET C 204 5.52 -3.32 32.68
N TYR C 205 5.75 -2.87 33.92
CA TYR C 205 5.61 -3.73 35.08
C TYR C 205 4.19 -4.17 35.32
N ASP C 206 3.24 -3.46 34.73
CA ASP C 206 1.83 -3.74 34.92
C ASP C 206 1.32 -4.84 34.01
N ASP C 207 2.18 -5.23 33.08
CA ASP C 207 1.81 -6.21 32.07
C ASP C 207 2.62 -7.49 32.28
N PRO C 208 1.99 -8.52 32.85
CA PRO C 208 2.72 -9.69 33.32
C PRO C 208 3.34 -10.46 32.17
N THR C 209 2.86 -10.24 30.95
CA THR C 209 3.41 -10.97 29.80
C THR C 209 4.77 -10.38 29.41
N LEU C 210 5.16 -9.25 30.00
CA LEU C 210 6.42 -8.62 29.59
C LEU C 210 7.60 -8.89 30.53
N ASN C 211 7.32 -9.66 31.59
CA ASN C 211 8.29 -9.96 32.66
C ASN C 211 9.55 -10.60 32.07
N GLU C 212 9.38 -11.48 31.08
CA GLU C 212 10.52 -12.22 30.57
C GLU C 212 11.47 -11.36 29.73
N PHE C 213 11.05 -10.15 29.35
CA PHE C 213 11.88 -9.29 28.49
C PHE C 213 12.71 -8.23 29.22
N TYR C 214 12.52 -8.07 30.52
CA TYR C 214 13.37 -7.17 31.29
C TYR C 214 13.81 -7.86 32.56
N LYS C 215 14.67 -7.19 33.32
CA LYS C 215 15.00 -7.63 34.66
C LYS C 215 16.44 -7.30 35.03
#